data_3OH8
#
_entry.id   3OH8
#
_cell.length_a   64.497
_cell.length_b   74.083
_cell.length_c   128.440
_cell.angle_alpha   90.000
_cell.angle_beta   90.000
_cell.angle_gamma   90.000
#
_symmetry.space_group_name_H-M   'P 21 21 21'
#
loop_
_entity.id
_entity.type
_entity.pdbx_description
1 polymer 'Nucleoside-diphosphate sugar epimerase (SulA family)'
2 water water
#
_entity_poly.entity_id   1
_entity_poly.type   'polypeptide(L)'
_entity_poly.pdbx_seq_one_letter_code
;(MSE)SLTTSHFIPFPRE(MSE)VWDWHTRKGAVARLTPPFIPLNPITQAERLADGTTIFSLPAGLKWVARHDLSGFLNG
SRFTDVCLTAPVKALANWRHVHNFVDQDGGTLITDSVSTRLPASTLTG(MSE)FAYRQTQLIEDLKFLSRTSTLFDGSPL
TVAITGSRGLVGRALTAQLQTGGHEVIQLVRKEPKPGKRFWDPLNPASDLLDGADVLVHLAGEPIFGRFNDSHKEAIRES
RVLPTKFLAELVAESTQCTT(MSE)ISASAVGFYGHDRGDEILTEESESGDDFLAEVCRDWEHATAPASDAGKRVAFIRT
GVALSGRGG(MSE)LPLLKTLFSTGLGGKFGDGTSWFSWIAIDDLTDIYYRAIVDAQISGPINAVAPNPVSNAD(MSE)T
KILATS(MSE)HRPAFIQIPSLGPKILLGSQGAEELALASQRTAPAALENLSHTFRYTDIGAAIAHELGYEQLADFAQQQ
EIEAERKQERAELKAAKKIAKKAPVLEESPTNLEDPEEVEQSILSSILNFRRKRNDLEHHHHHH
;
_entity_poly.pdbx_strand_id   A
#
# COMPACT_ATOMS: atom_id res chain seq x y z
N SER A 2 -24.93 -6.37 13.37
CA SER A 2 -23.69 -7.14 13.24
C SER A 2 -22.47 -6.55 13.96
N LEU A 3 -22.10 -5.31 13.64
CA LEU A 3 -21.04 -4.61 14.36
C LEU A 3 -21.16 -3.11 14.24
N THR A 4 -21.13 -2.43 15.39
CA THR A 4 -20.99 -0.97 15.41
C THR A 4 -19.77 -0.63 16.25
N THR A 5 -18.88 0.19 15.69
CA THR A 5 -17.66 0.54 16.39
C THR A 5 -17.14 1.88 15.87
N SER A 6 -16.46 2.62 16.74
CA SER A 6 -16.01 3.97 16.40
C SER A 6 -14.49 4.14 16.53
N HIS A 7 -13.93 5.07 15.78
CA HIS A 7 -12.51 5.39 15.91
C HIS A 7 -12.24 6.86 15.59
N PHE A 8 -11.28 7.44 16.29
CA PHE A 8 -10.97 8.86 16.15
C PHE A 8 -9.83 9.09 15.16
N ILE A 9 -10.00 10.07 14.28
CA ILE A 9 -8.99 10.42 13.29
C ILE A 9 -8.58 11.86 13.57
N PRO A 10 -7.28 12.11 13.84
CA PRO A 10 -6.86 13.44 14.25
C PRO A 10 -6.71 14.38 13.06
N PHE A 11 -7.75 14.46 12.24
CA PHE A 11 -7.77 15.38 11.09
C PHE A 11 -9.21 15.91 10.94
N PRO A 12 -9.35 17.12 10.39
CA PRO A 12 -10.66 17.78 10.24
C PRO A 12 -11.64 16.93 9.43
N ARG A 13 -12.91 16.93 9.82
CA ARG A 13 -13.90 16.09 9.14
C ARG A 13 -13.99 16.42 7.65
N GLU A 14 -13.81 17.68 7.30
CA GLU A 14 -13.83 18.05 5.88
C GLU A 14 -12.71 17.32 5.10
N MSE A 15 -11.52 17.26 5.68
CA MSE A 15 -10.39 16.55 5.04
C MSE A 15 -10.66 15.04 5.00
O MSE A 15 -10.42 14.38 3.98
CB MSE A 15 -9.08 16.85 5.78
CG MSE A 15 -7.84 15.99 5.37
SE MSE A 15 -6.32 16.43 6.29
CE MSE A 15 -6.37 18.22 6.18
N VAL A 16 -11.15 14.50 6.10
CA VAL A 16 -11.39 13.05 6.17
C VAL A 16 -12.47 12.63 5.18
N TRP A 17 -13.57 13.37 5.16
CA TRP A 17 -14.65 13.09 4.20
C TRP A 17 -14.11 13.15 2.78
N ASP A 18 -13.41 14.25 2.50
CA ASP A 18 -12.84 14.50 1.20
C ASP A 18 -12.04 13.30 0.71
N TRP A 19 -11.23 12.75 1.61
CA TRP A 19 -10.35 11.62 1.27
C TRP A 19 -11.16 10.42 0.74
N HIS A 20 -12.31 10.17 1.36
CA HIS A 20 -13.18 9.06 0.99
C HIS A 20 -13.86 9.26 -0.38
N THR A 21 -13.97 10.51 -0.83
CA THR A 21 -14.59 10.79 -2.12
C THR A 21 -13.64 10.57 -3.30
N ARG A 22 -12.35 10.43 -3.05
CA ARG A 22 -11.37 10.35 -4.15
C ARG A 22 -11.19 8.95 -4.73
N LYS A 23 -10.77 8.89 -5.99
CA LYS A 23 -10.37 7.62 -6.59
C LYS A 23 -9.27 7.00 -5.74
N GLY A 24 -9.31 5.68 -5.62
CA GLY A 24 -8.33 4.96 -4.81
C GLY A 24 -8.75 4.69 -3.39
N ALA A 25 -9.68 5.47 -2.85
CA ALA A 25 -10.04 5.32 -1.42
C ALA A 25 -10.55 3.94 -1.06
N VAL A 26 -11.41 3.38 -1.91
CA VAL A 26 -11.93 2.05 -1.67
C VAL A 26 -10.80 1.02 -1.68
N ALA A 27 -9.90 1.13 -2.66
CA ALA A 27 -8.77 0.22 -2.73
C ALA A 27 -7.89 0.27 -1.47
N ARG A 28 -7.60 1.48 -0.99
CA ARG A 28 -6.76 1.65 0.20
C ARG A 28 -7.33 0.94 1.41
N LEU A 29 -8.64 1.02 1.62
CA LEU A 29 -9.25 0.44 2.82
C LEU A 29 -9.73 -1.02 2.68
N THR A 30 -9.60 -1.58 1.49
CA THR A 30 -9.95 -2.99 1.29
C THR A 30 -8.88 -3.86 1.96
N PRO A 31 -9.29 -4.74 2.88
CA PRO A 31 -8.32 -5.58 3.60
C PRO A 31 -7.56 -6.54 2.66
N PRO A 32 -6.23 -6.55 2.76
CA PRO A 32 -5.44 -7.43 1.89
C PRO A 32 -5.65 -8.90 2.22
N PHE A 33 -6.15 -9.19 3.42
CA PHE A 33 -6.24 -10.56 3.90
C PHE A 33 -7.61 -11.13 3.63
N ILE A 34 -8.41 -10.41 2.86
CA ILE A 34 -9.68 -10.93 2.38
C ILE A 34 -9.65 -10.83 0.86
N PRO A 35 -9.96 -11.92 0.15
CA PRO A 35 -9.76 -12.02 -1.30
C PRO A 35 -10.80 -11.23 -2.08
N LEU A 36 -10.90 -9.95 -1.77
CA LEU A 36 -11.85 -9.03 -2.37
C LEU A 36 -11.02 -7.93 -3.02
N ASN A 37 -11.32 -7.58 -4.25
CA ASN A 37 -10.63 -6.45 -4.87
C ASN A 37 -11.51 -5.63 -5.78
N PRO A 38 -11.61 -4.33 -5.48
CA PRO A 38 -12.45 -3.42 -6.26
C PRO A 38 -11.90 -3.33 -7.68
N ILE A 39 -12.75 -3.63 -8.66
CA ILE A 39 -12.29 -3.54 -10.03
C ILE A 39 -12.85 -2.31 -10.76
N THR A 40 -13.86 -1.67 -10.16
CA THR A 40 -14.35 -0.41 -10.69
C THR A 40 -14.36 0.70 -9.63
N GLN A 41 -14.53 1.93 -10.09
CA GLN A 41 -14.60 3.10 -9.21
C GLN A 41 -15.97 3.79 -9.26
N ALA A 42 -16.73 3.68 -8.17
CA ALA A 42 -17.98 4.42 -8.05
C ALA A 42 -17.68 5.92 -8.02
N GLU A 43 -18.38 6.66 -8.88
CA GLU A 43 -18.13 8.08 -9.07
C GLU A 43 -18.32 8.91 -7.80
N ARG A 44 -19.37 8.58 -7.04
CA ARG A 44 -19.75 9.39 -5.89
C ARG A 44 -20.21 8.53 -4.73
N LEU A 45 -20.09 9.06 -3.51
CA LEU A 45 -20.48 8.31 -2.32
C LEU A 45 -22.00 8.18 -2.18
N ALA A 46 -22.75 9.11 -2.76
CA ALA A 46 -24.20 9.14 -2.53
C ALA A 46 -24.89 7.93 -3.13
N ASP A 47 -24.54 7.64 -4.38
CA ASP A 47 -25.14 6.54 -5.13
C ASP A 47 -24.04 5.93 -5.99
N GLY A 48 -24.43 5.11 -6.95
CA GLY A 48 -23.44 4.54 -7.85
C GLY A 48 -22.87 3.24 -7.31
N THR A 49 -22.47 2.35 -8.19
CA THR A 49 -22.05 1.03 -7.76
C THR A 49 -20.56 0.78 -7.93
N THR A 50 -20.07 -0.16 -7.13
CA THR A 50 -18.68 -0.57 -7.17
C THR A 50 -18.66 -2.08 -7.36
N ILE A 51 -17.86 -2.57 -8.31
CA ILE A 51 -17.74 -4.01 -8.53
C ILE A 51 -16.47 -4.53 -7.88
N PHE A 52 -16.59 -5.59 -7.07
CA PHE A 52 -15.44 -6.24 -6.48
C PHE A 52 -15.24 -7.63 -7.11
N SER A 53 -13.98 -7.99 -7.38
CA SER A 53 -13.66 -9.35 -7.77
C SER A 53 -13.52 -10.21 -6.53
N LEU A 54 -13.98 -11.46 -6.62
CA LEU A 54 -13.90 -12.44 -5.54
C LEU A 54 -13.21 -13.68 -6.11
N PRO A 55 -12.91 -14.67 -5.27
CA PRO A 55 -12.21 -15.82 -5.87
C PRO A 55 -13.15 -16.65 -6.76
N ALA A 56 -12.58 -17.37 -7.72
CA ALA A 56 -13.35 -18.30 -8.55
C ALA A 56 -14.26 -17.56 -9.53
N GLY A 57 -13.75 -16.49 -10.11
CA GLY A 57 -14.47 -15.72 -11.12
C GLY A 57 -15.72 -15.00 -10.62
N LEU A 58 -16.06 -15.16 -9.35
CA LEU A 58 -17.22 -14.51 -8.78
C LEU A 58 -17.00 -13.01 -8.57
N LYS A 59 -18.10 -12.27 -8.42
CA LYS A 59 -18.04 -10.82 -8.25
C LYS A 59 -19.06 -10.31 -7.27
N TRP A 60 -18.69 -9.27 -6.53
CA TRP A 60 -19.60 -8.65 -5.59
C TRP A 60 -19.95 -7.27 -6.10
N VAL A 61 -21.25 -7.01 -6.24
CA VAL A 61 -21.74 -5.74 -6.74
C VAL A 61 -22.23 -4.93 -5.54
N ALA A 62 -21.44 -3.94 -5.14
CA ALA A 62 -21.82 -3.08 -4.03
C ALA A 62 -22.43 -1.80 -4.58
N ARG A 63 -23.36 -1.22 -3.81
CA ARG A 63 -24.10 -0.07 -4.27
C ARG A 63 -24.18 0.96 -3.13
N HIS A 64 -23.96 2.23 -3.43
CA HIS A 64 -24.16 3.26 -2.42
C HIS A 64 -25.64 3.61 -2.34
N ASP A 65 -26.14 3.78 -1.11
CA ASP A 65 -27.57 3.96 -0.88
C ASP A 65 -27.88 5.44 -0.66
N LEU A 66 -28.67 6.01 -1.57
CA LEU A 66 -29.00 7.43 -1.50
C LEU A 66 -29.67 7.76 -0.17
N SER A 67 -30.49 6.85 0.31
CA SER A 67 -31.23 7.08 1.55
C SER A 67 -30.29 7.13 2.75
N GLY A 68 -29.09 6.60 2.58
CA GLY A 68 -28.12 6.57 3.66
C GLY A 68 -26.96 7.52 3.43
N PHE A 69 -27.25 8.59 2.71
CA PHE A 69 -26.24 9.60 2.40
C PHE A 69 -26.60 10.94 3.05
N LEU A 70 -25.61 11.57 3.67
CA LEU A 70 -25.74 12.97 4.07
C LEU A 70 -24.41 13.62 3.77
N ASN A 71 -24.42 14.58 2.84
CA ASN A 71 -23.19 15.17 2.34
C ASN A 71 -22.27 15.60 3.48
N GLY A 72 -21.07 15.02 3.50
CA GLY A 72 -20.08 15.36 4.49
C GLY A 72 -20.19 14.66 5.82
N SER A 73 -21.22 13.82 6.00
CA SER A 73 -21.50 13.19 7.30
C SER A 73 -21.73 11.69 7.24
N ARG A 74 -22.25 11.21 6.12
CA ARG A 74 -22.63 9.82 6.03
C ARG A 74 -22.72 9.30 4.62
N PHE A 75 -22.21 8.09 4.39
CA PHE A 75 -22.56 7.35 3.18
C PHE A 75 -22.76 5.89 3.55
N THR A 76 -23.45 5.13 2.71
CA THR A 76 -23.85 3.77 3.09
C THR A 76 -23.61 2.80 1.92
N ASP A 77 -22.97 1.65 2.21
CA ASP A 77 -22.76 0.62 1.19
C ASP A 77 -23.79 -0.47 1.37
N VAL A 78 -24.39 -0.96 0.28
CA VAL A 78 -25.36 -2.04 0.40
C VAL A 78 -25.18 -3.11 -0.67
N CYS A 79 -25.45 -4.36 -0.32
CA CYS A 79 -25.50 -5.43 -1.32
C CYS A 79 -26.85 -6.14 -1.33
N LEU A 80 -27.42 -6.29 -2.53
CA LEU A 80 -28.74 -6.92 -2.67
C LEU A 80 -28.67 -8.38 -3.15
N THR A 81 -27.58 -8.74 -3.84
CA THR A 81 -27.42 -10.11 -4.31
C THR A 81 -26.34 -10.84 -3.54
N ALA A 82 -26.43 -12.16 -3.52
CA ALA A 82 -25.61 -12.98 -2.65
C ALA A 82 -24.62 -13.87 -3.39
N PRO A 83 -23.50 -13.31 -3.87
CA PRO A 83 -22.48 -14.15 -4.51
C PRO A 83 -22.03 -15.25 -3.55
N VAL A 84 -21.92 -14.90 -2.27
CA VAL A 84 -21.72 -15.87 -1.20
C VAL A 84 -22.53 -15.39 0.00
N LYS A 85 -23.00 -16.32 0.82
CA LYS A 85 -23.87 -15.96 1.95
C LYS A 85 -23.25 -14.94 2.89
N ALA A 86 -21.95 -15.07 3.12
CA ALA A 86 -21.24 -14.18 4.03
C ALA A 86 -21.25 -12.73 3.57
N LEU A 87 -21.29 -12.52 2.26
CA LEU A 87 -21.13 -11.18 1.71
C LEU A 87 -22.45 -10.65 1.22
N ALA A 88 -23.54 -11.27 1.67
CA ALA A 88 -24.87 -10.88 1.21
C ALA A 88 -25.67 -10.26 2.35
N ASN A 89 -26.70 -9.51 1.97
CA ASN A 89 -27.53 -8.82 2.95
C ASN A 89 -26.64 -7.90 3.78
N TRP A 90 -25.69 -7.27 3.11
CA TRP A 90 -24.66 -6.47 3.74
C TRP A 90 -25.08 -5.00 3.70
N ARG A 91 -25.05 -4.32 4.84
CA ARG A 91 -25.34 -2.90 4.88
C ARG A 91 -24.35 -2.17 5.78
N HIS A 92 -23.53 -1.31 5.19
CA HIS A 92 -22.42 -0.68 5.90
C HIS A 92 -22.62 0.83 5.94
N VAL A 93 -22.94 1.35 7.12
CA VAL A 93 -23.10 2.79 7.29
C VAL A 93 -21.78 3.40 7.80
N HIS A 94 -21.32 4.45 7.11
CA HIS A 94 -20.09 5.17 7.49
C HIS A 94 -20.51 6.55 7.97
N ASN A 95 -20.33 6.80 9.26
CA ASN A 95 -20.77 8.06 9.87
C ASN A 95 -19.58 8.90 10.34
N PHE A 96 -19.61 10.20 10.05
CA PHE A 96 -18.51 11.09 10.37
C PHE A 96 -19.00 12.27 11.22
N VAL A 97 -18.52 12.41 12.44
CA VAL A 97 -18.85 13.62 13.21
C VAL A 97 -17.62 14.41 13.63
N ASP A 98 -17.81 15.69 13.95
CA ASP A 98 -16.73 16.50 14.49
C ASP A 98 -16.44 16.03 15.90
N GLN A 99 -15.15 16.00 16.24
CA GLN A 99 -14.72 15.56 17.55
C GLN A 99 -13.45 16.28 17.92
N ASP A 100 -13.58 17.31 18.76
CA ASP A 100 -12.42 18.07 19.24
C ASP A 100 -11.48 18.54 18.11
N GLY A 101 -12.06 19.04 17.01
CA GLY A 101 -11.27 19.52 15.90
C GLY A 101 -10.84 18.41 14.94
N GLY A 102 -10.99 17.16 15.38
CA GLY A 102 -10.70 15.98 14.56
C GLY A 102 -12.00 15.33 14.12
N THR A 103 -11.95 14.04 13.81
CA THR A 103 -13.11 13.34 13.25
C THR A 103 -13.36 12.05 14.02
N LEU A 104 -14.62 11.79 14.34
CA LEU A 104 -14.99 10.53 14.97
C LEU A 104 -15.79 9.77 13.93
N ILE A 105 -15.27 8.64 13.48
CA ILE A 105 -15.96 7.81 12.51
C ILE A 105 -16.66 6.68 13.20
N THR A 106 -17.94 6.50 12.90
CA THR A 106 -18.63 5.32 13.37
C THR A 106 -19.02 4.46 12.19
N ASP A 107 -18.59 3.20 12.23
CA ASP A 107 -19.01 2.23 11.23
C ASP A 107 -20.08 1.35 11.85
N SER A 108 -21.18 1.20 11.14
CA SER A 108 -22.23 0.28 11.57
C SER A 108 -22.56 -0.64 10.41
N VAL A 109 -22.25 -1.92 10.56
CA VAL A 109 -22.58 -2.87 9.51
C VAL A 109 -23.67 -3.84 9.99
N SER A 110 -24.73 -3.94 9.21
CA SER A 110 -25.79 -4.89 9.47
C SER A 110 -25.50 -6.14 8.65
N THR A 111 -25.38 -7.29 9.32
CA THR A 111 -25.01 -8.54 8.67
C THR A 111 -25.14 -9.67 9.70
N ARG A 112 -25.37 -10.90 9.24
CA ARG A 112 -25.57 -12.00 10.18
C ARG A 112 -24.26 -12.60 10.67
N LEU A 113 -23.17 -12.13 10.08
CA LEU A 113 -21.84 -12.51 10.54
C LEU A 113 -21.64 -12.03 11.96
N PRO A 114 -21.11 -12.90 12.83
CA PRO A 114 -20.76 -12.49 14.20
C PRO A 114 -19.72 -11.37 14.17
N ALA A 115 -19.83 -10.46 15.13
CA ALA A 115 -18.88 -9.35 15.24
C ALA A 115 -17.45 -9.86 15.16
N SER A 116 -17.18 -10.99 15.79
CA SER A 116 -15.84 -11.56 15.78
C SER A 116 -15.31 -11.77 14.37
N THR A 117 -16.23 -11.89 13.41
CA THR A 117 -15.89 -12.09 12.00
C THR A 117 -15.38 -10.80 11.34
N LEU A 118 -15.71 -9.66 11.93
CA LEU A 118 -15.50 -8.38 11.27
C LEU A 118 -14.42 -7.56 11.94
N THR A 119 -13.94 -8.04 13.09
CA THR A 119 -12.94 -7.31 13.85
C THR A 119 -11.68 -7.00 13.04
N GLY A 120 -11.14 -8.00 12.36
CA GLY A 120 -9.94 -7.84 11.56
C GLY A 120 -10.10 -6.82 10.45
N MSE A 121 -11.17 -6.97 9.68
CA MSE A 121 -11.50 -6.05 8.59
C MSE A 121 -11.51 -4.62 9.10
O MSE A 121 -10.90 -3.73 8.50
CB MSE A 121 -12.88 -6.37 8.03
CG MSE A 121 -13.43 -5.29 7.07
SE MSE A 121 -15.05 -5.68 6.30
CE MSE A 121 -15.32 -4.18 5.37
N PHE A 122 -12.19 -4.37 10.21
CA PHE A 122 -12.32 -3.01 10.68
C PHE A 122 -11.07 -2.45 11.33
N ALA A 123 -10.29 -3.31 11.98
CA ALA A 123 -9.02 -2.87 12.53
C ALA A 123 -8.13 -2.38 11.38
N TYR A 124 -8.19 -3.07 10.24
CA TYR A 124 -7.42 -2.68 9.06
C TYR A 124 -7.89 -1.33 8.49
N ARG A 125 -9.20 -1.22 8.28
CA ARG A 125 -9.78 0.03 7.79
C ARG A 125 -9.37 1.22 8.67
N GLN A 126 -9.44 1.05 9.98
CA GLN A 126 -9.07 2.12 10.92
C GLN A 126 -7.57 2.48 10.89
N THR A 127 -6.70 1.48 11.03
CA THR A 127 -5.26 1.74 11.00
C THR A 127 -4.83 2.30 9.65
N GLN A 128 -5.34 1.73 8.58
CA GLN A 128 -4.92 2.15 7.24
C GLN A 128 -5.30 3.59 6.97
N LEU A 129 -6.53 3.96 7.33
CA LEU A 129 -6.99 5.33 7.15
C LEU A 129 -6.11 6.30 7.92
N ILE A 130 -5.89 6.01 9.20
CA ILE A 130 -5.15 6.94 10.04
C ILE A 130 -3.69 7.04 9.57
N GLU A 131 -3.10 5.92 9.19
CA GLU A 131 -1.72 5.95 8.73
C GLU A 131 -1.60 6.69 7.40
N ASP A 132 -2.56 6.46 6.52
CA ASP A 132 -2.56 7.17 5.23
C ASP A 132 -2.61 8.67 5.39
N LEU A 133 -3.52 9.15 6.24
CA LEU A 133 -3.67 10.58 6.45
C LEU A 133 -2.44 11.17 7.15
N LYS A 134 -1.90 10.46 8.14
CA LYS A 134 -0.66 10.93 8.78
C LYS A 134 0.48 11.04 7.77
N PHE A 135 0.58 10.03 6.90
CA PHE A 135 1.61 10.06 5.87
C PHE A 135 1.45 11.28 4.99
N LEU A 136 0.23 11.52 4.53
CA LEU A 136 0.00 12.68 3.66
C LEU A 136 0.38 13.98 4.38
N SER A 137 0.11 14.03 5.68
CA SER A 137 0.39 15.22 6.48
C SER A 137 1.90 15.47 6.61
N ARG A 138 2.65 14.44 6.99
CA ARG A 138 4.11 14.53 7.03
C ARG A 138 4.66 14.95 5.67
N THR A 139 4.10 14.36 4.62
CA THR A 139 4.63 14.61 3.27
C THR A 139 4.33 16.03 2.80
N SER A 140 3.24 16.62 3.31
CA SER A 140 2.89 17.98 2.93
C SER A 140 4.01 18.94 3.33
N THR A 141 4.93 18.50 4.19
CA THR A 141 5.99 19.42 4.62
C THR A 141 7.16 19.44 3.64
N LEU A 142 7.08 18.60 2.61
CA LEU A 142 8.23 18.36 1.74
C LEU A 142 8.11 19.05 0.40
N PHE A 143 6.94 19.58 0.08
CA PHE A 143 6.74 20.21 -1.22
C PHE A 143 5.55 21.16 -1.18
N ASP A 144 5.31 21.87 -2.27
CA ASP A 144 4.28 22.92 -2.29
C ASP A 144 2.85 22.39 -2.18
N GLY A 145 2.66 21.09 -2.36
CA GLY A 145 1.36 20.47 -2.15
C GLY A 145 0.40 20.52 -3.34
N SER A 146 0.85 21.13 -4.43
CA SER A 146 0.08 21.12 -5.67
C SER A 146 0.12 19.74 -6.30
N PRO A 147 -1.00 19.33 -6.89
CA PRO A 147 -1.11 18.00 -7.52
C PRO A 147 -0.10 17.85 -8.65
N LEU A 148 0.52 16.68 -8.75
CA LEU A 148 1.40 16.38 -9.85
C LEU A 148 0.73 15.35 -10.74
N THR A 149 1.21 15.24 -11.97
CA THR A 149 0.81 14.15 -12.84
C THR A 149 1.97 13.18 -12.93
N VAL A 150 1.69 11.92 -12.63
CA VAL A 150 2.70 10.89 -12.46
C VAL A 150 2.43 9.76 -13.45
N ALA A 151 3.34 9.56 -14.41
CA ALA A 151 3.24 8.41 -15.29
C ALA A 151 3.82 7.22 -14.55
N ILE A 152 3.15 6.07 -14.64
CA ILE A 152 3.59 4.88 -13.92
C ILE A 152 3.52 3.62 -14.78
N THR A 153 4.64 2.90 -14.88
CA THR A 153 4.62 1.55 -15.43
C THR A 153 4.49 0.57 -14.27
N GLY A 154 3.99 -0.62 -14.56
CA GLY A 154 3.77 -1.60 -13.51
C GLY A 154 2.62 -1.20 -12.60
N SER A 155 1.73 -0.35 -13.09
CA SER A 155 0.66 0.20 -12.24
C SER A 155 -0.38 -0.85 -11.86
N ARG A 156 -0.33 -2.01 -12.51
CA ARG A 156 -1.30 -3.07 -12.20
C ARG A 156 -0.74 -4.15 -11.27
N GLY A 157 0.58 -4.12 -11.05
CA GLY A 157 1.22 -5.09 -10.17
C GLY A 157 0.94 -4.78 -8.71
N LEU A 158 1.44 -5.61 -7.81
CA LEU A 158 1.25 -5.45 -6.37
C LEU A 158 1.54 -4.03 -5.87
N VAL A 159 2.76 -3.55 -6.13
CA VAL A 159 3.18 -2.29 -5.59
C VAL A 159 2.56 -1.14 -6.38
N GLY A 160 2.53 -1.29 -7.71
CA GLY A 160 2.00 -0.27 -8.57
C GLY A 160 0.55 0.07 -8.28
N ARG A 161 -0.26 -0.95 -8.01
CA ARG A 161 -1.68 -0.74 -7.78
C ARG A 161 -1.87 -0.01 -6.45
N ALA A 162 -1.08 -0.37 -5.44
CA ALA A 162 -1.17 0.33 -4.16
C ALA A 162 -0.69 1.78 -4.25
N LEU A 163 0.42 1.99 -4.95
CA LEU A 163 0.96 3.33 -5.14
C LEU A 163 -0.02 4.22 -5.93
N THR A 164 -0.59 3.67 -7.00
CA THR A 164 -1.56 4.40 -7.81
C THR A 164 -2.74 4.88 -6.98
N ALA A 165 -3.31 3.98 -6.18
CA ALA A 165 -4.41 4.34 -5.29
C ALA A 165 -4.01 5.39 -4.28
N GLN A 166 -2.79 5.32 -3.76
CA GLN A 166 -2.36 6.29 -2.75
C GLN A 166 -2.22 7.67 -3.37
N LEU A 167 -1.55 7.74 -4.52
CA LEU A 167 -1.42 9.01 -5.27
C LEU A 167 -2.78 9.64 -5.53
N GLN A 168 -3.71 8.83 -6.02
CA GLN A 168 -5.05 9.35 -6.27
C GLN A 168 -5.72 9.85 -4.99
N THR A 169 -5.59 9.14 -3.88
CA THR A 169 -6.22 9.66 -2.66
C THR A 169 -5.54 10.93 -2.17
N GLY A 170 -4.30 11.16 -2.63
CA GLY A 170 -3.59 12.37 -2.30
C GLY A 170 -3.91 13.51 -3.25
N GLY A 171 -4.72 13.24 -4.26
CA GLY A 171 -5.14 14.32 -5.16
C GLY A 171 -4.25 14.49 -6.37
N HIS A 172 -3.28 13.60 -6.55
CA HIS A 172 -2.44 13.62 -7.74
C HIS A 172 -3.07 12.86 -8.89
N GLU A 173 -2.61 13.13 -10.10
CA GLU A 173 -3.12 12.41 -11.27
C GLU A 173 -2.12 11.36 -11.69
N VAL A 174 -2.62 10.17 -12.01
CA VAL A 174 -1.79 9.07 -12.48
C VAL A 174 -2.09 8.77 -13.94
N ILE A 175 -1.05 8.72 -14.76
CA ILE A 175 -1.17 8.20 -16.11
C ILE A 175 -0.57 6.81 -16.13
N GLN A 176 -1.44 5.81 -16.27
CA GLN A 176 -0.98 4.44 -16.23
C GLN A 176 -0.46 4.02 -17.61
N LEU A 177 0.81 3.60 -17.65
CA LEU A 177 1.41 3.10 -18.88
C LEU A 177 1.30 1.60 -18.87
N VAL A 178 0.41 1.05 -19.70
CA VAL A 178 0.08 -0.37 -19.59
C VAL A 178 0.50 -1.19 -20.80
N ARG A 179 0.74 -2.47 -20.57
CA ARG A 179 1.28 -3.30 -21.63
C ARG A 179 0.19 -3.96 -22.48
N LYS A 180 -1.05 -3.89 -22.03
CA LYS A 180 -2.16 -4.45 -22.80
C LYS A 180 -3.48 -3.92 -22.27
N GLU A 181 -4.53 -4.08 -23.08
CA GLU A 181 -5.87 -3.73 -22.63
C GLU A 181 -5.92 -2.38 -21.95
N PRO A 182 -5.43 -1.32 -22.62
CA PRO A 182 -5.49 0.01 -22.00
C PRO A 182 -6.92 0.53 -21.89
N LYS A 183 -7.25 1.10 -20.75
CA LYS A 183 -8.55 1.74 -20.57
C LYS A 183 -8.45 3.22 -20.93
N PRO A 184 -9.59 3.89 -21.12
CA PRO A 184 -9.54 5.32 -21.50
C PRO A 184 -8.71 6.09 -20.48
N GLY A 185 -7.86 7.00 -20.94
CA GLY A 185 -6.99 7.75 -20.06
C GLY A 185 -5.70 7.01 -19.73
N LYS A 186 -5.66 5.71 -20.04
CA LYS A 186 -4.41 4.94 -19.93
C LYS A 186 -3.66 4.99 -21.26
N ARG A 187 -2.36 4.68 -21.22
CA ARG A 187 -1.54 4.70 -22.43
C ARG A 187 -0.82 3.38 -22.67
N PHE A 188 -0.85 2.93 -23.92
CA PHE A 188 -0.19 1.71 -24.31
C PHE A 188 1.33 1.87 -24.29
N TRP A 189 1.99 0.98 -23.55
CA TRP A 189 3.43 1.02 -23.46
C TRP A 189 4.03 -0.22 -24.10
N ASP A 190 4.82 0.00 -25.15
CA ASP A 190 5.62 -1.06 -25.78
C ASP A 190 7.02 -0.95 -25.21
N PRO A 191 7.40 -1.87 -24.32
CA PRO A 191 8.67 -1.69 -23.60
C PRO A 191 9.88 -1.53 -24.53
N LEU A 192 9.89 -2.23 -25.65
CA LEU A 192 11.06 -2.18 -26.55
C LEU A 192 10.90 -1.14 -27.65
N ASN A 193 9.80 -0.41 -27.62
CA ASN A 193 9.58 0.63 -28.61
C ASN A 193 8.54 1.62 -28.11
N PRO A 194 8.85 2.34 -27.02
CA PRO A 194 7.85 3.22 -26.39
C PRO A 194 7.51 4.45 -27.26
N ALA A 195 6.24 4.82 -27.28
CA ALA A 195 5.77 5.95 -28.09
C ALA A 195 6.52 7.23 -27.73
N SER A 196 6.85 8.02 -28.74
CA SER A 196 7.54 9.30 -28.53
C SER A 196 6.81 10.20 -27.54
N ASP A 197 5.50 10.06 -27.49
CA ASP A 197 4.66 10.95 -26.70
C ASP A 197 4.14 10.28 -25.44
N LEU A 198 4.78 9.18 -25.04
CA LEU A 198 4.30 8.37 -23.91
C LEU A 198 4.21 9.18 -22.62
N LEU A 199 5.14 10.12 -22.44
CA LEU A 199 5.23 10.82 -21.16
C LEU A 199 4.62 12.22 -21.19
N ASP A 200 3.93 12.56 -22.28
CA ASP A 200 3.36 13.90 -22.37
C ASP A 200 2.44 14.18 -21.19
N GLY A 201 2.54 15.37 -20.63
CA GLY A 201 1.69 15.77 -19.54
C GLY A 201 2.18 15.32 -18.16
N ALA A 202 3.21 14.47 -18.11
CA ALA A 202 3.67 13.99 -16.81
C ALA A 202 4.78 14.84 -16.22
N ASP A 203 4.67 15.09 -14.91
CA ASP A 203 5.74 15.75 -14.16
C ASP A 203 6.81 14.76 -13.70
N VAL A 204 6.39 13.53 -13.41
CA VAL A 204 7.29 12.51 -12.88
C VAL A 204 7.01 11.18 -13.53
N LEU A 205 8.06 10.40 -13.80
CA LEU A 205 7.88 9.03 -14.24
C LEU A 205 8.24 8.07 -13.12
N VAL A 206 7.34 7.15 -12.80
CA VAL A 206 7.68 6.06 -11.88
C VAL A 206 7.74 4.75 -12.66
N HIS A 207 8.92 4.14 -12.69
CA HIS A 207 9.15 2.92 -13.47
C HIS A 207 9.23 1.73 -12.55
N LEU A 208 8.13 1.00 -12.48
CA LEU A 208 7.94 -0.09 -11.53
C LEU A 208 7.83 -1.42 -12.25
N ALA A 209 7.58 -1.40 -13.55
CA ALA A 209 7.26 -2.63 -14.29
C ALA A 209 8.32 -3.72 -14.10
N GLY A 210 7.84 -4.95 -13.88
CA GLY A 210 8.72 -6.09 -13.72
C GLY A 210 8.39 -6.94 -12.50
N GLU A 211 8.70 -8.23 -12.60
CA GLU A 211 8.45 -9.16 -11.51
C GLU A 211 9.77 -9.54 -10.82
N PHE A 217 18.91 -17.32 -9.92
CA PHE A 217 19.40 -16.14 -10.63
C PHE A 217 20.67 -16.46 -11.42
N ASN A 218 20.54 -17.30 -12.45
CA ASN A 218 21.69 -17.75 -13.23
C ASN A 218 21.95 -16.92 -14.49
N ASP A 219 23.22 -16.84 -14.89
CA ASP A 219 23.63 -16.09 -16.08
C ASP A 219 22.96 -16.59 -17.36
N SER A 220 22.21 -17.68 -17.25
CA SER A 220 21.44 -18.21 -18.36
C SER A 220 20.28 -17.28 -18.72
N HIS A 221 19.87 -16.46 -17.75
CA HIS A 221 18.74 -15.54 -17.91
C HIS A 221 19.12 -14.19 -18.51
N LYS A 222 20.39 -14.02 -18.84
CA LYS A 222 20.92 -12.69 -19.18
C LYS A 222 20.11 -11.94 -20.25
N GLU A 223 19.95 -12.55 -21.42
CA GLU A 223 19.27 -11.88 -22.52
C GLU A 223 17.81 -11.55 -22.14
N ALA A 224 17.10 -12.54 -21.60
CA ALA A 224 15.72 -12.32 -21.15
C ALA A 224 15.59 -11.11 -20.25
N ILE A 225 16.56 -10.91 -19.35
CA ILE A 225 16.51 -9.81 -18.40
C ILE A 225 16.89 -8.50 -19.06
N ARG A 226 17.81 -8.58 -20.02
CA ARG A 226 18.23 -7.41 -20.75
C ARG A 226 17.04 -6.85 -21.53
N GLU A 227 16.23 -7.76 -22.07
CA GLU A 227 15.10 -7.37 -22.90
C GLU A 227 13.89 -6.89 -22.08
N SER A 228 13.75 -7.38 -20.85
CA SER A 228 12.58 -7.03 -20.05
C SER A 228 12.86 -5.88 -19.09
N ARG A 229 14.10 -5.80 -18.61
CA ARG A 229 14.46 -4.84 -17.57
C ARG A 229 15.35 -3.72 -18.07
N VAL A 230 16.48 -4.08 -18.68
CA VAL A 230 17.50 -3.10 -19.01
C VAL A 230 17.16 -2.19 -20.19
N LEU A 231 16.84 -2.77 -21.35
CA LEU A 231 16.46 -1.96 -22.51
C LEU A 231 15.18 -1.08 -22.30
N PRO A 232 14.11 -1.67 -21.77
CA PRO A 232 12.94 -0.80 -21.57
C PRO A 232 13.23 0.37 -20.63
N THR A 233 14.09 0.14 -19.65
CA THR A 233 14.43 1.18 -18.68
C THR A 233 15.18 2.31 -19.38
N LYS A 234 16.05 1.95 -20.31
CA LYS A 234 16.83 2.93 -21.05
C LYS A 234 15.94 3.76 -21.97
N PHE A 235 15.04 3.09 -22.68
CA PHE A 235 14.17 3.79 -23.62
C PHE A 235 13.27 4.78 -22.87
N LEU A 236 12.81 4.38 -21.70
CA LEU A 236 12.00 5.27 -20.88
C LEU A 236 12.86 6.46 -20.41
N ALA A 237 14.08 6.17 -19.98
CA ALA A 237 14.99 7.23 -19.52
C ALA A 237 15.24 8.26 -20.63
N GLU A 238 15.35 7.78 -21.86
CA GLU A 238 15.51 8.69 -22.99
C GLU A 238 14.32 9.60 -23.14
N LEU A 239 13.11 9.06 -23.00
CA LEU A 239 11.91 9.87 -23.10
C LEU A 239 11.91 10.91 -21.96
N VAL A 240 12.37 10.50 -20.79
CA VAL A 240 12.44 11.43 -19.68
C VAL A 240 13.42 12.55 -20.07
N ALA A 241 14.57 12.16 -20.60
CA ALA A 241 15.57 13.12 -21.05
C ALA A 241 14.94 14.12 -22.03
N GLU A 242 14.12 13.62 -22.95
CA GLU A 242 13.61 14.46 -24.02
C GLU A 242 12.45 15.36 -23.61
N SER A 243 11.84 15.04 -22.47
CA SER A 243 10.67 15.78 -22.02
C SER A 243 11.08 17.06 -21.29
N THR A 244 10.37 18.15 -21.54
CA THR A 244 10.64 19.39 -20.82
C THR A 244 9.88 19.39 -19.50
N GLN A 245 8.72 18.75 -19.47
CA GLN A 245 7.90 18.73 -18.26
C GLN A 245 8.34 17.63 -17.28
N CYS A 246 8.87 16.53 -17.79
CA CYS A 246 9.25 15.44 -16.88
C CYS A 246 10.58 15.72 -16.19
N THR A 247 10.46 15.99 -14.90
CA THR A 247 11.53 16.50 -14.07
C THR A 247 12.27 15.36 -13.38
N THR A 248 11.63 14.20 -13.32
CA THR A 248 12.03 13.19 -12.35
C THR A 248 11.75 11.77 -12.83
N MSE A 249 12.72 10.87 -12.62
CA MSE A 249 12.52 9.46 -12.86
C MSE A 249 12.79 8.67 -11.57
O MSE A 249 13.92 8.66 -11.06
CB MSE A 249 13.42 8.93 -14.00
CG MSE A 249 13.16 7.47 -14.40
SE MSE A 249 14.13 6.86 -15.80
CE MSE A 249 13.47 5.21 -15.97
N ILE A 250 11.73 8.08 -11.02
CA ILE A 250 11.87 7.18 -9.88
C ILE A 250 11.83 5.75 -10.39
N SER A 251 12.96 5.05 -10.30
CA SER A 251 13.08 3.75 -10.95
C SER A 251 13.21 2.61 -9.94
N ALA A 252 12.43 1.55 -10.12
CA ALA A 252 12.53 0.41 -9.22
C ALA A 252 13.94 -0.21 -9.29
N SER A 253 14.44 -0.69 -8.16
CA SER A 253 15.66 -1.49 -8.17
C SER A 253 15.49 -2.55 -7.09
N ALA A 254 16.60 -3.06 -6.55
CA ALA A 254 16.50 -4.14 -5.56
C ALA A 254 17.74 -4.20 -4.68
N VAL A 255 17.57 -4.69 -3.46
CA VAL A 255 18.70 -4.87 -2.56
C VAL A 255 19.65 -5.91 -3.14
N GLY A 256 19.17 -6.62 -4.15
CA GLY A 256 19.98 -7.58 -4.89
C GLY A 256 21.19 -6.90 -5.50
N PHE A 257 21.16 -5.57 -5.56
CA PHE A 257 22.31 -4.78 -5.96
C PHE A 257 23.55 -5.13 -5.13
N TYR A 258 23.34 -5.46 -3.86
CA TYR A 258 24.45 -5.72 -2.94
C TYR A 258 24.93 -7.15 -3.07
N GLY A 259 24.28 -7.91 -3.93
CA GLY A 259 24.57 -9.33 -4.06
C GLY A 259 23.58 -10.12 -3.23
N HIS A 260 23.50 -11.42 -3.51
CA HIS A 260 22.54 -12.25 -2.83
C HIS A 260 22.95 -12.55 -1.38
N ASP A 261 24.25 -12.46 -1.10
CA ASP A 261 24.74 -12.90 0.21
C ASP A 261 25.95 -12.09 0.68
N ARG A 262 25.74 -11.19 1.65
CA ARG A 262 26.82 -10.38 2.23
C ARG A 262 27.07 -10.67 3.73
N GLY A 263 26.53 -11.78 4.22
CA GLY A 263 26.77 -12.17 5.60
C GLY A 263 26.20 -11.20 6.62
N ASP A 264 27.04 -10.78 7.56
CA ASP A 264 26.61 -9.88 8.61
C ASP A 264 26.94 -8.42 8.33
N GLU A 265 27.45 -8.14 7.13
CA GLU A 265 27.78 -6.78 6.76
C GLU A 265 26.52 -5.94 6.64
N ILE A 266 26.52 -4.79 7.30
CA ILE A 266 25.36 -3.90 7.26
C ILE A 266 25.42 -3.14 5.95
N LEU A 267 24.39 -3.30 5.13
CA LEU A 267 24.39 -2.70 3.79
C LEU A 267 23.68 -1.35 3.77
N THR A 268 24.42 -0.33 3.33
CA THR A 268 23.93 1.04 3.26
C THR A 268 24.04 1.49 1.82
N GLU A 269 23.44 2.62 1.47
CA GLU A 269 23.57 3.12 0.11
C GLU A 269 25.02 3.44 -0.22
N GLU A 270 25.88 3.40 0.80
CA GLU A 270 27.32 3.62 0.61
C GLU A 270 28.05 2.33 0.27
N SER A 271 27.42 1.20 0.56
CA SER A 271 28.08 -0.09 0.35
C SER A 271 28.26 -0.39 -1.13
N GLU A 272 29.35 -1.07 -1.46
CA GLU A 272 29.60 -1.46 -2.85
C GLU A 272 28.58 -2.46 -3.36
N SER A 273 28.45 -2.51 -4.68
CA SER A 273 27.66 -3.55 -5.32
C SER A 273 28.21 -4.93 -5.02
N GLY A 274 27.34 -5.93 -5.12
CA GLY A 274 27.70 -7.31 -4.87
C GLY A 274 28.59 -7.92 -5.95
N ASP A 275 28.78 -9.24 -5.85
CA ASP A 275 29.81 -9.90 -6.66
C ASP A 275 29.25 -11.02 -7.54
N ASP A 276 27.93 -11.13 -7.56
CA ASP A 276 27.26 -12.21 -8.28
C ASP A 276 26.47 -11.69 -9.48
N PHE A 277 25.75 -12.57 -10.16
CA PHE A 277 25.02 -12.17 -11.35
C PHE A 277 23.86 -11.25 -10.99
N LEU A 278 23.22 -11.52 -9.85
CA LEU A 278 22.14 -10.68 -9.38
C LEU A 278 22.61 -9.23 -9.27
N ALA A 279 23.75 -9.04 -8.61
CA ALA A 279 24.34 -7.70 -8.47
C ALA A 279 24.59 -7.06 -9.83
N GLU A 280 25.05 -7.85 -10.78
CA GLU A 280 25.39 -7.33 -12.10
C GLU A 280 24.12 -6.83 -12.78
N VAL A 281 23.08 -7.66 -12.74
CA VAL A 281 21.79 -7.29 -13.31
C VAL A 281 21.31 -5.96 -12.74
N CYS A 282 21.36 -5.83 -11.43
CA CYS A 282 20.94 -4.60 -10.79
C CYS A 282 21.80 -3.40 -11.16
N ARG A 283 23.11 -3.58 -11.25
CA ARG A 283 23.99 -2.48 -11.69
C ARG A 283 23.56 -2.01 -13.08
N ASP A 284 23.34 -2.96 -13.99
CA ASP A 284 22.94 -2.62 -15.35
C ASP A 284 21.57 -1.96 -15.37
N TRP A 285 20.67 -2.50 -14.56
CA TRP A 285 19.31 -1.98 -14.47
C TRP A 285 19.31 -0.52 -14.01
N GLU A 286 20.12 -0.21 -13.00
CA GLU A 286 20.26 1.17 -12.57
C GLU A 286 20.98 2.03 -13.61
N HIS A 287 22.03 1.49 -14.23
CA HIS A 287 22.81 2.29 -15.17
C HIS A 287 22.00 2.66 -16.42
N ALA A 288 20.99 1.87 -16.73
CA ALA A 288 20.12 2.18 -17.86
C ALA A 288 19.35 3.51 -17.71
N THR A 289 19.30 4.08 -16.51
CA THR A 289 18.63 5.37 -16.31
C THR A 289 19.55 6.54 -16.66
N ALA A 290 20.79 6.23 -17.01
CA ALA A 290 21.79 7.28 -17.25
C ALA A 290 21.36 8.43 -18.19
N PRO A 291 20.61 8.13 -19.27
CA PRO A 291 20.17 9.24 -20.12
C PRO A 291 19.35 10.29 -19.38
N ALA A 292 18.53 9.89 -18.42
CA ALA A 292 17.73 10.85 -17.67
C ALA A 292 18.61 11.75 -16.80
N SER A 293 19.51 11.14 -16.04
CA SER A 293 20.34 11.94 -15.14
C SER A 293 21.36 12.75 -15.95
N ASP A 294 21.83 12.20 -17.06
CA ASP A 294 22.74 12.96 -17.93
C ASP A 294 22.06 14.24 -18.41
N ALA A 295 20.74 14.17 -18.59
CA ALA A 295 20.01 15.34 -19.08
C ALA A 295 19.62 16.26 -17.94
N GLY A 296 20.19 16.02 -16.76
CA GLY A 296 19.96 16.87 -15.61
C GLY A 296 18.67 16.61 -14.82
N LYS A 297 17.97 15.53 -15.14
CA LYS A 297 16.73 15.21 -14.41
C LYS A 297 17.05 14.52 -13.09
N ARG A 298 16.12 14.58 -12.14
CA ARG A 298 16.34 13.91 -10.87
C ARG A 298 16.04 12.42 -11.01
N VAL A 299 16.99 11.57 -10.61
CA VAL A 299 16.80 10.12 -10.68
C VAL A 299 17.05 9.50 -9.30
N ALA A 300 16.16 8.61 -8.87
CA ALA A 300 16.41 7.77 -7.70
C ALA A 300 16.14 6.32 -8.02
N PHE A 301 16.85 5.42 -7.32
CA PHE A 301 16.72 3.99 -7.47
C PHE A 301 16.17 3.47 -6.17
N ILE A 302 15.00 2.86 -6.22
CA ILE A 302 14.37 2.35 -5.01
C ILE A 302 14.78 0.88 -4.85
N ARG A 303 15.89 0.66 -4.13
CA ARG A 303 16.38 -0.69 -3.90
C ARG A 303 15.49 -1.35 -2.86
N THR A 304 14.51 -2.10 -3.33
CA THR A 304 13.50 -2.68 -2.47
C THR A 304 13.91 -4.01 -1.84
N GLY A 305 13.53 -4.17 -0.58
CA GLY A 305 13.63 -5.47 0.08
C GLY A 305 12.44 -6.30 -0.36
N VAL A 306 12.16 -7.35 0.39
CA VAL A 306 11.01 -8.18 0.12
C VAL A 306 9.76 -7.50 0.67
N ALA A 307 8.86 -7.12 -0.21
CA ALA A 307 7.66 -6.41 0.19
C ALA A 307 6.65 -7.35 0.82
N LEU A 308 6.17 -6.99 1.99
CA LEU A 308 5.22 -7.84 2.69
C LEU A 308 3.82 -7.31 2.49
N SER A 309 2.99 -8.13 1.86
CA SER A 309 1.59 -7.77 1.58
C SER A 309 0.71 -8.97 1.84
N GLY A 310 -0.48 -8.72 2.39
CA GLY A 310 -1.43 -9.79 2.61
C GLY A 310 -2.01 -10.31 1.31
N ARG A 311 -1.96 -9.53 0.25
CA ARG A 311 -2.65 -9.96 -0.96
C ARG A 311 -1.77 -10.53 -2.07
N GLY A 312 -0.46 -10.59 -1.86
CA GLY A 312 0.38 -11.13 -2.92
C GLY A 312 1.82 -11.12 -2.50
N GLY A 313 2.69 -11.61 -3.38
CA GLY A 313 4.11 -11.61 -3.09
C GLY A 313 4.47 -12.70 -2.11
N MSE A 314 5.61 -12.54 -1.43
CA MSE A 314 6.14 -13.61 -0.58
C MSE A 314 5.38 -13.87 0.72
O MSE A 314 5.40 -14.99 1.23
CB MSE A 314 7.62 -13.37 -0.27
CG MSE A 314 8.57 -13.52 -1.45
SE MSE A 314 8.43 -15.10 -2.35
CE MSE A 314 7.91 -14.45 -3.92
N LEU A 315 4.72 -12.87 1.29
CA LEU A 315 4.13 -13.07 2.61
C LEU A 315 3.09 -14.20 2.65
N PRO A 316 2.11 -14.17 1.71
CA PRO A 316 1.12 -15.26 1.76
C PRO A 316 1.77 -16.62 1.50
N LEU A 317 2.78 -16.66 0.63
CA LEU A 317 3.50 -17.90 0.36
C LEU A 317 4.20 -18.36 1.63
N LEU A 318 4.90 -17.46 2.29
CA LEU A 318 5.50 -17.82 3.57
C LEU A 318 4.40 -18.31 4.51
N LYS A 319 3.48 -17.44 4.89
CA LYS A 319 2.36 -17.85 5.73
C LYS A 319 1.89 -19.28 5.44
N THR A 320 1.82 -19.67 4.16
CA THR A 320 1.37 -21.01 3.80
C THR A 320 2.37 -22.10 4.19
N LEU A 321 3.65 -21.84 3.98
CA LEU A 321 4.75 -22.76 4.32
C LEU A 321 4.87 -22.99 5.81
N PHE A 322 3.73 -23.07 6.46
CA PHE A 322 3.64 -23.24 7.90
C PHE A 322 2.28 -23.92 8.03
N SER A 323 1.99 -24.68 6.97
CA SER A 323 0.87 -25.59 6.84
C SER A 323 1.36 -26.89 6.21
N GLY A 327 8.75 -24.94 5.05
CA GLY A 327 8.33 -25.07 6.43
C GLY A 327 9.50 -25.31 7.35
N GLY A 328 9.65 -24.46 8.37
CA GLY A 328 10.74 -24.59 9.32
C GLY A 328 11.94 -23.74 8.91
N LYS A 329 12.89 -23.61 9.83
CA LYS A 329 14.05 -22.76 9.62
C LYS A 329 15.06 -23.37 8.62
N PHE A 330 15.68 -22.50 7.84
CA PHE A 330 16.58 -22.93 6.77
C PHE A 330 18.05 -22.93 7.19
N GLY A 331 18.69 -24.10 7.10
CA GLY A 331 20.09 -24.25 7.47
C GLY A 331 20.42 -23.65 8.83
N ASP A 332 21.39 -22.74 8.84
CA ASP A 332 21.81 -21.97 10.02
C ASP A 332 20.70 -21.22 10.75
N GLY A 333 19.76 -20.70 9.98
CA GLY A 333 18.79 -19.74 10.49
C GLY A 333 19.38 -18.34 10.58
N THR A 334 20.66 -18.19 10.24
CA THR A 334 21.31 -16.88 10.39
C THR A 334 21.17 -15.95 9.19
N SER A 335 20.55 -16.43 8.11
CA SER A 335 20.34 -15.62 6.91
C SER A 335 19.50 -14.39 7.21
N TRP A 336 19.97 -13.23 6.76
CA TRP A 336 19.27 -11.97 7.04
C TRP A 336 18.19 -11.70 6.01
N PHE A 337 16.96 -11.53 6.50
CA PHE A 337 15.79 -11.32 5.67
C PHE A 337 15.54 -9.82 5.58
N SER A 338 15.75 -9.26 4.40
CA SER A 338 15.60 -7.82 4.17
C SER A 338 14.18 -7.53 3.65
N TRP A 339 13.34 -6.98 4.54
CA TRP A 339 11.89 -6.90 4.29
C TRP A 339 11.41 -5.47 4.44
N ILE A 340 10.26 -5.19 3.84
CA ILE A 340 9.58 -3.91 4.08
C ILE A 340 8.06 -4.12 3.97
N ALA A 341 7.29 -3.46 4.83
CA ALA A 341 5.84 -3.56 4.77
C ALA A 341 5.41 -2.86 3.50
N ILE A 342 4.41 -3.41 2.81
CA ILE A 342 4.07 -2.82 1.52
C ILE A 342 3.72 -1.33 1.65
N ASP A 343 3.06 -0.94 2.74
CA ASP A 343 2.68 0.45 2.89
C ASP A 343 3.91 1.34 3.02
N ASP A 344 4.94 0.86 3.70
CA ASP A 344 6.18 1.64 3.79
C ASP A 344 6.86 1.78 2.44
N LEU A 345 6.73 0.76 1.59
CA LEU A 345 7.34 0.81 0.26
C LEU A 345 6.65 1.87 -0.61
N THR A 346 5.31 1.84 -0.67
CA THR A 346 4.61 2.88 -1.42
C THR A 346 4.86 4.28 -0.83
N ASP A 347 4.89 4.40 0.51
CA ASP A 347 5.25 5.68 1.13
C ASP A 347 6.56 6.20 0.56
N ILE A 348 7.54 5.30 0.41
CA ILE A 348 8.85 5.69 -0.08
C ILE A 348 8.78 6.14 -1.53
N TYR A 349 8.03 5.41 -2.36
CA TYR A 349 7.84 5.85 -3.73
C TYR A 349 7.17 7.22 -3.79
N TYR A 350 6.10 7.35 -3.01
CA TYR A 350 5.29 8.57 -2.97
C TYR A 350 6.19 9.73 -2.56
N ARG A 351 6.92 9.54 -1.46
CA ARG A 351 7.88 10.55 -1.04
C ARG A 351 8.89 10.90 -2.13
N ALA A 352 9.45 9.88 -2.78
CA ALA A 352 10.44 10.13 -3.83
C ALA A 352 9.85 11.00 -4.94
N ILE A 353 8.59 10.75 -5.28
CA ILE A 353 7.92 11.51 -6.32
C ILE A 353 7.89 13.02 -6.01
N VAL A 354 7.55 13.37 -4.77
CA VAL A 354 7.32 14.78 -4.41
C VAL A 354 8.50 15.48 -3.73
N ASP A 355 9.44 14.71 -3.19
CA ASP A 355 10.51 15.27 -2.36
C ASP A 355 11.82 15.37 -3.11
N ALA A 356 12.17 16.57 -3.55
CA ALA A 356 13.38 16.77 -4.31
C ALA A 356 14.66 16.42 -3.54
N GLN A 357 14.55 16.13 -2.24
CA GLN A 357 15.72 15.70 -1.46
C GLN A 357 16.15 14.29 -1.82
N ILE A 358 15.25 13.55 -2.43
CA ILE A 358 15.47 12.15 -2.72
C ILE A 358 16.11 11.95 -4.09
N SER A 359 17.35 11.49 -4.11
CA SER A 359 17.98 11.17 -5.38
C SER A 359 19.09 10.14 -5.17
N GLY A 360 19.45 9.45 -6.25
CA GLY A 360 20.43 8.36 -6.13
C GLY A 360 19.77 7.12 -5.57
N PRO A 361 20.59 6.17 -5.10
CA PRO A 361 20.05 4.92 -4.52
C PRO A 361 19.36 5.15 -3.17
N ILE A 362 18.21 4.51 -2.97
CA ILE A 362 17.54 4.55 -1.67
C ILE A 362 17.23 3.11 -1.25
N ASN A 363 17.73 2.67 -0.10
CA ASN A 363 17.35 1.35 0.41
C ASN A 363 15.93 1.43 0.94
N ALA A 364 14.99 0.81 0.24
CA ALA A 364 13.60 0.79 0.73
C ALA A 364 13.39 -0.50 1.49
N VAL A 365 13.80 -0.48 2.75
CA VAL A 365 13.74 -1.63 3.64
C VAL A 365 13.38 -1.08 5.01
N ALA A 366 12.70 -1.88 5.81
CA ALA A 366 12.42 -1.48 7.19
C ALA A 366 13.75 -1.36 7.94
N PRO A 367 13.79 -0.51 8.97
CA PRO A 367 14.97 -0.29 9.81
C PRO A 367 15.51 -1.61 10.41
N ASN A 368 14.66 -2.62 10.55
CA ASN A 368 15.02 -3.84 11.30
C ASN A 368 14.94 -5.15 10.52
N PRO A 369 15.99 -5.48 9.74
CA PRO A 369 16.02 -6.80 9.12
C PRO A 369 16.09 -7.90 10.19
N VAL A 370 15.58 -9.09 9.90
CA VAL A 370 15.56 -10.17 10.90
C VAL A 370 16.20 -11.44 10.36
N SER A 371 16.61 -12.32 11.26
CA SER A 371 17.18 -13.62 10.87
C SER A 371 16.10 -14.56 10.35
N ASN A 372 16.49 -15.46 9.46
CA ASN A 372 15.58 -16.51 9.02
C ASN A 372 14.93 -17.23 10.22
N ALA A 373 15.73 -17.52 11.24
CA ALA A 373 15.23 -18.15 12.44
C ALA A 373 14.13 -17.32 13.10
N ASP A 374 14.33 -16.01 13.17
CA ASP A 374 13.35 -15.14 13.82
C ASP A 374 12.06 -15.02 13.01
N MSE A 375 12.20 -14.88 11.69
CA MSE A 375 11.05 -14.81 10.80
C MSE A 375 10.21 -16.07 10.96
O MSE A 375 8.97 -16.01 10.93
CB MSE A 375 11.51 -14.68 9.34
CG MSE A 375 10.40 -14.80 8.31
SE MSE A 375 11.03 -15.04 6.62
CE MSE A 375 11.40 -16.79 6.61
N THR A 376 10.89 -17.20 11.10
CA THR A 376 10.25 -18.49 11.25
C THR A 376 9.34 -18.53 12.47
N LYS A 377 9.89 -18.14 13.63
CA LYS A 377 9.12 -18.09 14.87
C LYS A 377 7.92 -17.18 14.75
N ILE A 378 8.16 -15.98 14.23
CA ILE A 378 7.13 -14.95 14.12
C ILE A 378 5.92 -15.42 13.32
N LEU A 379 6.18 -16.12 12.23
CA LEU A 379 5.09 -16.61 11.38
C LEU A 379 4.19 -17.64 12.06
N ALA A 380 4.65 -18.17 13.18
CA ALA A 380 3.86 -19.10 13.97
C ALA A 380 3.25 -18.41 15.19
N THR A 381 3.99 -17.49 15.79
CA THR A 381 3.45 -16.69 16.90
C THR A 381 2.78 -15.42 16.37
N GLN A 403 6.38 -21.06 -3.90
CA GLN A 403 6.78 -20.66 -5.24
C GLN A 403 7.93 -19.64 -5.20
N GLY A 404 9.09 -20.10 -4.72
CA GLY A 404 10.24 -19.22 -4.57
C GLY A 404 10.41 -18.76 -3.13
N ALA A 405 9.36 -18.92 -2.32
CA ALA A 405 9.42 -18.57 -0.91
C ALA A 405 10.41 -19.47 -0.15
N GLU A 406 10.46 -20.73 -0.56
CA GLU A 406 11.23 -21.74 0.13
C GLU A 406 12.73 -21.43 0.11
N GLU A 407 13.14 -20.65 -0.89
CA GLU A 407 14.57 -20.38 -1.13
C GLU A 407 14.98 -18.96 -0.74
N LEU A 408 14.06 -18.20 -0.14
CA LEU A 408 14.35 -16.83 0.28
C LEU A 408 15.52 -16.82 1.25
N ALA A 409 15.63 -17.88 2.04
CA ALA A 409 16.70 -17.98 3.03
C ALA A 409 18.04 -18.23 2.38
N LEU A 410 18.05 -18.43 1.06
CA LEU A 410 19.30 -18.55 0.34
C LEU A 410 19.98 -17.19 0.23
N ALA A 411 19.19 -16.13 0.35
CA ALA A 411 19.73 -14.78 0.38
C ALA A 411 20.01 -14.35 1.83
N SER A 412 20.96 -13.43 2.00
CA SER A 412 21.27 -12.86 3.29
C SER A 412 21.72 -11.43 3.05
N GLN A 413 20.84 -10.49 3.34
CA GLN A 413 21.10 -9.08 3.08
C GLN A 413 20.71 -8.29 4.31
N ARG A 414 21.72 -7.81 5.03
CA ARG A 414 21.49 -7.07 6.26
C ARG A 414 21.40 -5.58 5.94
N THR A 415 20.35 -5.21 5.20
CA THR A 415 20.24 -3.87 4.66
C THR A 415 19.75 -2.86 5.72
N ALA A 416 20.30 -1.65 5.67
CA ALA A 416 19.80 -0.54 6.48
C ALA A 416 19.29 0.58 5.57
N PRO A 417 18.14 1.18 5.92
CA PRO A 417 17.64 2.36 5.21
C PRO A 417 18.36 3.61 5.69
N ALA A 418 19.66 3.66 5.49
CA ALA A 418 20.48 4.73 6.04
C ALA A 418 20.09 6.12 5.51
N ALA A 419 19.87 6.18 4.20
CA ALA A 419 19.53 7.45 3.56
C ALA A 419 18.21 8.01 4.09
N LEU A 420 17.23 7.13 4.30
CA LEU A 420 15.93 7.56 4.83
C LEU A 420 16.03 7.99 6.29
N GLU A 421 16.76 7.21 7.09
CA GLU A 421 16.96 7.55 8.49
C GLU A 421 17.66 8.90 8.62
N ASN A 422 18.60 9.17 7.70
CA ASN A 422 19.31 10.44 7.70
C ASN A 422 18.39 11.62 7.40
N LEU A 423 17.32 11.33 6.65
CA LEU A 423 16.31 12.33 6.32
C LEU A 423 15.20 12.39 7.39
N SER A 424 15.30 11.55 8.42
CA SER A 424 14.30 11.49 9.47
C SER A 424 12.98 10.92 8.97
N HIS A 425 13.04 10.01 8.01
CA HIS A 425 11.84 9.36 7.49
C HIS A 425 11.12 8.61 8.61
N THR A 426 9.81 8.72 8.65
CA THR A 426 8.99 7.95 9.58
C THR A 426 8.51 6.69 8.88
N PHE A 427 8.70 5.54 9.50
CA PHE A 427 8.18 4.29 8.96
C PHE A 427 6.91 3.92 9.68
N ARG A 428 5.95 3.39 8.94
CA ARG A 428 4.71 2.90 9.52
C ARG A 428 4.97 1.66 10.37
N TYR A 429 5.82 0.77 9.87
CA TYR A 429 6.12 -0.48 10.57
C TYR A 429 7.62 -0.72 10.66
N THR A 430 8.18 -0.50 11.84
CA THR A 430 9.60 -0.73 12.04
C THR A 430 9.85 -2.20 12.41
N ASP A 431 8.84 -2.87 12.94
CA ASP A 431 8.99 -4.25 13.39
C ASP A 431 8.14 -5.20 12.57
N ILE A 432 8.75 -6.30 12.15
CA ILE A 432 8.08 -7.21 11.22
C ILE A 432 6.80 -7.84 11.78
N GLY A 433 6.80 -8.12 13.08
CA GLY A 433 5.60 -8.58 13.75
C GLY A 433 4.44 -7.62 13.58
N ALA A 434 4.71 -6.33 13.73
CA ALA A 434 3.66 -5.33 13.53
C ALA A 434 3.22 -5.21 12.07
N ALA A 435 4.16 -5.34 11.13
CA ALA A 435 3.82 -5.30 9.71
C ALA A 435 2.93 -6.49 9.34
N ILE A 436 3.28 -7.66 9.86
CA ILE A 436 2.54 -8.88 9.54
C ILE A 436 1.13 -8.86 10.15
N ALA A 437 1.02 -8.33 11.37
CA ALA A 437 -0.28 -8.21 12.02
C ALA A 437 -1.23 -7.35 11.18
N HIS A 438 -0.68 -6.28 10.63
CA HIS A 438 -1.44 -5.37 9.76
C HIS A 438 -1.87 -6.08 8.49
N GLU A 439 -0.93 -6.76 7.84
CA GLU A 439 -1.19 -7.35 6.53
C GLU A 439 -2.04 -8.63 6.55
N LEU A 440 -1.97 -9.39 7.63
CA LEU A 440 -2.69 -10.65 7.72
C LEU A 440 -3.94 -10.55 8.60
N GLY A 441 -4.19 -9.36 9.13
CA GLY A 441 -5.45 -9.05 9.80
C GLY A 441 -5.56 -9.49 11.25
N TYR A 442 -4.52 -9.22 12.03
CA TYR A 442 -4.52 -9.58 13.44
C TYR A 442 -4.58 -8.34 14.31
N GLU A 443 -4.94 -7.20 13.74
CA GLU A 443 -4.98 -5.98 14.54
C GLU A 443 -6.29 -5.84 15.33
N GLN A 444 -6.28 -4.98 16.34
CA GLN A 444 -7.42 -4.81 17.23
C GLN A 444 -8.17 -3.55 16.86
N LEU A 445 -9.47 -3.57 17.11
CA LEU A 445 -10.31 -2.38 17.03
C LEU A 445 -9.72 -1.26 17.88
N ALA A 446 -9.90 -0.03 17.40
CA ALA A 446 -9.52 1.16 18.17
C ALA A 446 -10.16 1.10 19.56
N ASP A 447 -11.42 0.69 19.60
CA ASP A 447 -12.12 0.51 20.86
C ASP A 447 -11.64 -0.77 21.54
N PHE A 448 -10.60 -0.62 22.34
CA PHE A 448 -9.95 -1.76 22.98
C PHE A 448 -10.91 -2.56 23.86
N ALA A 449 -11.68 -1.85 24.68
CA ALA A 449 -12.63 -2.48 25.58
C ALA A 449 -13.63 -3.33 24.80
N GLN A 450 -14.09 -2.81 23.65
CA GLN A 450 -15.04 -3.54 22.80
C GLN A 450 -14.39 -4.80 22.23
N GLN A 451 -13.15 -4.66 21.79
CA GLN A 451 -12.35 -5.78 21.33
C GLN A 451 -12.36 -6.86 22.40
N GLN A 452 -12.01 -6.48 23.62
CA GLN A 452 -11.93 -7.41 24.74
C GLN A 452 -13.27 -8.10 25.00
N GLU A 453 -14.35 -7.34 24.91
CA GLU A 453 -15.69 -7.87 25.15
C GLU A 453 -16.14 -8.86 24.07
N ILE A 454 -15.84 -8.57 22.81
CA ILE A 454 -16.19 -9.47 21.72
C ILE A 454 -15.46 -10.81 21.85
N GLU A 455 -14.27 -10.78 22.44
CA GLU A 455 -13.56 -12.00 22.80
C GLU A 455 -14.20 -12.64 24.04
N ALA A 456 -15.53 -12.77 24.00
CA ALA A 456 -16.30 -13.38 25.06
C ALA A 456 -17.64 -13.85 24.51
N ASN A 484 -27.35 -11.18 14.40
CA ASN A 484 -28.66 -10.57 14.20
C ASN A 484 -28.58 -9.24 13.47
N LEU A 485 -29.44 -9.06 12.47
CA LEU A 485 -29.49 -7.84 11.67
C LEU A 485 -30.20 -6.70 12.38
N GLU A 486 -29.84 -5.46 12.05
CA GLU A 486 -30.46 -4.28 12.63
C GLU A 486 -31.26 -3.49 11.59
N ASP A 487 -32.48 -3.12 11.95
CA ASP A 487 -33.26 -2.23 11.10
C ASP A 487 -32.75 -0.80 11.26
N PRO A 488 -33.11 0.10 10.32
CA PRO A 488 -32.69 1.51 10.30
C PRO A 488 -32.83 2.24 11.65
N GLU A 489 -33.97 2.11 12.29
CA GLU A 489 -34.18 2.72 13.60
C GLU A 489 -33.15 2.20 14.61
N GLU A 490 -32.94 0.90 14.61
CA GLU A 490 -31.94 0.29 15.48
C GLU A 490 -30.53 0.79 15.17
N VAL A 491 -30.23 0.96 13.87
CA VAL A 491 -28.91 1.36 13.43
C VAL A 491 -28.56 2.75 13.92
N GLU A 492 -29.52 3.67 13.85
CA GLU A 492 -29.34 5.02 14.37
C GLU A 492 -29.04 5.01 15.85
N GLN A 493 -29.76 4.18 16.60
CA GLN A 493 -29.51 4.08 18.04
C GLN A 493 -28.11 3.52 18.32
N SER A 494 -27.72 2.49 17.57
CA SER A 494 -26.39 1.91 17.75
C SER A 494 -25.31 2.95 17.51
N ILE A 495 -25.48 3.73 16.45
CA ILE A 495 -24.50 4.75 16.10
C ILE A 495 -24.42 5.83 17.18
N LEU A 496 -25.58 6.37 17.56
CA LEU A 496 -25.62 7.39 18.60
C LEU A 496 -24.97 6.87 19.88
N SER A 497 -25.30 5.64 20.24
CA SER A 497 -24.73 5.03 21.44
C SER A 497 -23.21 4.88 21.34
N SER A 498 -22.73 4.51 20.16
CA SER A 498 -21.29 4.31 19.97
C SER A 498 -20.55 5.65 20.12
N ILE A 499 -21.16 6.72 19.62
CA ILE A 499 -20.60 8.06 19.73
C ILE A 499 -20.54 8.46 21.20
N LEU A 500 -21.68 8.35 21.88
CA LEU A 500 -21.76 8.65 23.31
C LEU A 500 -20.71 7.89 24.13
N ASN A 501 -20.53 6.60 23.82
CA ASN A 501 -19.54 5.79 24.51
C ASN A 501 -18.13 6.35 24.35
N PHE A 502 -17.79 6.72 23.12
CA PHE A 502 -16.47 7.29 22.86
C PHE A 502 -16.29 8.57 23.67
N ARG A 503 -17.31 9.41 23.64
CA ARG A 503 -17.21 10.69 24.33
C ARG A 503 -17.16 10.55 25.85
N ARG A 504 -17.91 9.58 26.38
CA ARG A 504 -17.92 9.38 27.82
C ARG A 504 -16.52 8.95 28.29
N LYS A 505 -15.90 8.06 27.54
CA LYS A 505 -14.54 7.60 27.85
C LYS A 505 -13.50 8.72 27.71
N ARG A 506 -13.57 9.50 26.63
CA ARG A 506 -12.65 10.61 26.44
C ARG A 506 -12.80 11.65 27.56
N ASN A 507 -14.04 11.96 27.93
CA ASN A 507 -14.28 12.94 29.00
C ASN A 507 -13.73 12.42 30.33
N ASP A 508 -13.89 11.12 30.56
CA ASP A 508 -13.35 10.52 31.76
C ASP A 508 -11.83 10.64 31.74
N LEU A 509 -11.22 10.35 30.59
CA LEU A 509 -9.77 10.45 30.44
C LEU A 509 -9.27 11.88 30.70
N GLU A 510 -10.00 12.87 30.18
CA GLU A 510 -9.64 14.27 30.38
C GLU A 510 -9.62 14.62 31.86
N HIS A 511 -10.63 14.16 32.59
CA HIS A 511 -10.70 14.42 34.03
C HIS A 511 -9.59 13.72 34.83
N HIS A 512 -9.02 12.66 34.27
CA HIS A 512 -8.00 11.90 34.98
C HIS A 512 -6.59 12.51 34.83
N HIS A 513 -6.52 13.69 34.25
CA HIS A 513 -5.28 14.44 34.26
C HIS A 513 -5.52 15.87 34.76
#